data_4A2S
#
_entry.id   4A2S
#
_cell.length_a   53.810
_cell.length_b   62.810
_cell.length_c   93.210
_cell.angle_alpha   90.00
_cell.angle_beta   90.00
_cell.angle_gamma   90.00
#
_symmetry.space_group_name_H-M   'P 21 21 21'
#
loop_
_entity.id
_entity.type
_entity.pdbx_description
1 polymer 'INDOLE-3-GLYCEROL PHOSPHATE SYNTHASE'
2 non-polymer 1-(6-METHOXYNAPHTHALEN-2-YL)BUTANE-1,3-DIONE
3 water water
#
_entity_poly.entity_id   1
_entity_poly.type   'polypeptide(L)'
_entity_poly.pdbx_seq_one_letter_code
;MPRYLKGWLEDVVQLSLRRPSVRASRQRPIISLNERILEFNKRNITAIIAYYSRKSPSGLDVERDPIEYAKFMERYAVGL
SIKTEEKYFNGSYETLRKIASSVSIPILMSDFIVKESQIDDAYNLGADTVLLIVKILTERELESLLEYARSYGMEPLILI
NDENDLDIALRIGARFIGIFSMNFETGEINKENQRKLISMIPSNVVKVAKLGISERNEIEELRKLGVNAFLISSSLMRNP
EKIKELIEGSLEHHHHHH
;
_entity_poly.pdbx_strand_id   A
#
loop_
_chem_comp.id
_chem_comp.type
_chem_comp.name
_chem_comp.formula
3NK non-polymer 1-(6-METHOXYNAPHTHALEN-2-YL)BUTANE-1,3-DIONE 'C15 H14 O3'
#
# COMPACT_ATOMS: atom_id res chain seq x y z
N PRO A 2 -1.22 4.87 -19.31
CA PRO A 2 -1.76 5.61 -18.15
C PRO A 2 -2.66 6.72 -18.62
N ARG A 3 -3.38 7.34 -17.70
CA ARG A 3 -4.05 8.59 -17.98
C ARG A 3 -3.02 9.66 -18.32
N TYR A 4 -3.49 10.73 -18.98
CA TYR A 4 -2.69 11.94 -19.14
C TYR A 4 -2.75 12.72 -17.83
N LEU A 5 -1.59 13.17 -17.38
CA LEU A 5 -1.44 13.75 -16.06
C LEU A 5 -0.63 15.03 -16.15
N LYS A 6 -0.54 15.72 -15.02
CA LYS A 6 0.28 16.92 -14.89
C LYS A 6 1.15 16.81 -13.68
N GLY A 7 2.16 17.67 -13.62
CA GLY A 7 2.94 17.83 -12.42
C GLY A 7 3.75 16.58 -12.05
N TRP A 8 3.92 16.40 -10.77
CA TRP A 8 4.83 15.35 -10.35
C TRP A 8 4.23 13.97 -10.61
N LEU A 9 2.91 13.89 -10.64
N LEU A 9 2.91 13.81 -10.61
CA LEU A 9 2.24 12.64 -10.96
CA LEU A 9 2.37 12.48 -10.97
C LEU A 9 2.63 12.19 -12.39
C LEU A 9 2.67 12.13 -12.43
N GLU A 10 2.59 13.13 -13.32
CA GLU A 10 2.99 12.89 -14.69
C GLU A 10 4.48 12.43 -14.70
N ASP A 11 5.33 13.12 -13.96
CA ASP A 11 6.74 12.82 -13.93
C ASP A 11 6.99 11.38 -13.45
N VAL A 12 6.35 11.01 -12.34
N VAL A 12 6.38 11.01 -12.31
CA VAL A 12 6.61 9.71 -11.76
CA VAL A 12 6.59 9.69 -11.75
C VAL A 12 6.06 8.59 -12.65
C VAL A 12 6.12 8.62 -12.73
N VAL A 13 5.00 8.86 -13.38
CA VAL A 13 4.46 7.87 -14.31
C VAL A 13 5.44 7.68 -15.47
N GLN A 14 6.00 8.77 -15.98
CA GLN A 14 6.98 8.65 -17.05
C GLN A 14 8.21 7.87 -16.59
N LEU A 15 8.66 8.13 -15.37
CA LEU A 15 9.78 7.40 -14.80
C LEU A 15 9.44 5.91 -14.72
N SER A 16 8.23 5.63 -14.27
CA SER A 16 7.84 4.24 -14.04
C SER A 16 7.79 3.47 -15.34
N LEU A 17 7.30 4.12 -16.40
CA LEU A 17 7.21 3.44 -17.68
C LEU A 17 8.58 2.95 -18.14
N ARG A 18 9.65 3.65 -17.71
CA ARG A 18 11.00 3.32 -18.16
C ARG A 18 11.80 2.43 -17.20
N ARG A 19 11.14 1.94 -16.15
CA ARG A 19 11.86 1.21 -15.11
C ARG A 19 12.26 -0.16 -15.59
N PRO A 20 13.57 -0.49 -15.53
CA PRO A 20 14.00 -1.81 -16.00
C PRO A 20 13.47 -2.93 -15.11
N SER A 21 12.99 -4.00 -15.73
CA SER A 21 12.43 -5.09 -14.95
C SER A 21 13.50 -5.96 -14.34
N VAL A 22 13.12 -6.71 -13.31
N VAL A 22 13.07 -6.75 -13.37
CA VAL A 22 14.03 -7.63 -12.67
CA VAL A 22 13.94 -7.64 -12.61
C VAL A 22 13.82 -9.04 -13.19
C VAL A 22 13.78 -9.08 -13.08
N ARG A 23 14.89 -9.82 -13.15
CA ARG A 23 14.81 -11.22 -13.51
C ARG A 23 15.23 -11.92 -12.31
N ALA A 24 14.31 -12.62 -11.70
CA ALA A 24 14.68 -13.36 -10.55
C ALA A 24 13.59 -14.35 -10.32
N SER A 25 13.97 -15.49 -9.81
N SER A 25 13.96 -15.49 -9.75
CA SER A 25 12.97 -16.45 -9.42
CA SER A 25 13.00 -16.53 -9.42
C SER A 25 12.52 -16.13 -8.02
C SER A 25 12.52 -16.37 -7.98
N ARG A 26 11.21 -16.23 -7.81
CA ARG A 26 10.64 -16.12 -6.49
C ARG A 26 10.91 -17.42 -5.71
N GLN A 27 11.43 -17.23 -4.51
CA GLN A 27 11.71 -18.30 -3.57
C GLN A 27 11.20 -17.84 -2.22
N ARG A 28 9.94 -17.46 -2.20
CA ARG A 28 9.22 -17.08 -1.01
C ARG A 28 7.73 -17.38 -1.34
N PRO A 29 6.94 -17.87 -0.37
CA PRO A 29 5.48 -18.04 -0.62
C PRO A 29 4.80 -16.68 -0.83
N ILE A 30 3.66 -16.67 -1.49
CA ILE A 30 2.78 -15.50 -1.45
C ILE A 30 2.03 -15.60 -0.13
N ILE A 31 2.30 -14.59 0.72
CA ILE A 31 1.69 -14.49 2.04
C ILE A 31 0.65 -13.42 1.95
N SER A 32 -0.63 -13.81 1.90
CA SER A 32 -1.72 -12.89 1.54
C SER A 32 -1.96 -11.85 2.60
N LEU A 33 -1.95 -10.59 2.17
CA LEU A 33 -2.18 -9.51 3.10
C LEU A 33 -3.64 -9.36 3.49
N ASN A 34 -4.53 -9.40 2.49
CA ASN A 34 -5.94 -9.26 2.79
C ASN A 34 -6.45 -10.40 3.71
N GLU A 35 -5.97 -11.60 3.48
CA GLU A 35 -6.39 -12.74 4.33
C GLU A 35 -5.84 -12.54 5.74
N ARG A 36 -4.60 -12.05 5.85
CA ARG A 36 -4.03 -11.87 7.18
C ARG A 36 -4.81 -10.79 7.94
N ILE A 37 -5.22 -9.73 7.19
CA ILE A 37 -6.05 -8.75 7.82
C ILE A 37 -7.37 -9.34 8.36
N LEU A 38 -8.05 -10.15 7.55
CA LEU A 38 -9.27 -10.79 8.02
C LEU A 38 -9.01 -11.64 9.28
N GLU A 39 -7.87 -12.32 9.30
CA GLU A 39 -7.46 -13.12 10.48
C GLU A 39 -7.28 -12.25 11.70
N PHE A 40 -6.59 -11.12 11.57
CA PHE A 40 -6.45 -10.18 12.68
C PHE A 40 -7.81 -9.69 13.15
N ASN A 41 -8.73 -9.39 12.24
CA ASN A 41 -10.05 -8.94 12.62
C ASN A 41 -10.75 -10.01 13.46
N LYS A 42 -10.64 -11.26 13.03
CA LYS A 42 -11.30 -12.37 13.76
C LYS A 42 -10.69 -12.51 15.15
N ARG A 43 -9.40 -12.21 15.29
CA ARG A 43 -8.72 -12.28 16.60
C ARG A 43 -8.85 -11.01 17.43
N ASN A 44 -9.54 -10.01 16.88
CA ASN A 44 -9.65 -8.71 17.53
C ASN A 44 -8.29 -8.06 17.83
N ILE A 45 -7.37 -8.17 16.88
CA ILE A 45 -6.08 -7.50 16.95
C ILE A 45 -6.08 -6.42 15.90
N THR A 46 -5.85 -5.18 16.31
CA THR A 46 -5.76 -4.07 15.37
C THR A 46 -4.71 -4.38 14.33
N ALA A 47 -5.10 -4.21 13.06
CA ALA A 47 -4.27 -4.57 11.91
C ALA A 47 -3.67 -3.31 11.28
N ILE A 48 -2.37 -3.12 11.49
CA ILE A 48 -1.67 -1.96 11.00
C ILE A 48 -0.65 -2.37 9.98
N ILE A 49 -0.73 -1.74 8.80
CA ILE A 49 0.24 -1.94 7.76
C ILE A 49 1.28 -0.82 7.94
N ALA A 50 2.50 -1.17 8.31
CA ALA A 50 3.56 -0.19 8.56
C ALA A 50 4.28 0.14 7.28
N TYR A 51 4.38 1.42 6.96
CA TYR A 51 5.20 1.79 5.79
C TYR A 51 6.67 1.88 6.11
N TYR A 52 7.45 1.50 5.12
CA TYR A 52 8.86 1.83 5.11
C TYR A 52 9.05 2.76 3.91
N SER A 53 9.53 3.95 4.20
CA SER A 53 9.64 4.95 3.21
C SER A 53 10.80 5.81 3.68
N ARG A 54 11.86 5.88 2.88
CA ARG A 54 13.05 6.64 3.27
C ARG A 54 12.81 8.15 3.19
N LYS A 55 11.89 8.52 2.34
CA LYS A 55 11.61 9.91 2.11
C LYS A 55 10.14 9.95 1.79
N SER A 56 9.51 11.12 1.93
CA SER A 56 8.17 11.28 1.41
C SER A 56 8.06 12.71 1.00
N PRO A 57 7.27 13.00 -0.05
CA PRO A 57 7.03 14.41 -0.39
C PRO A 57 6.45 15.22 0.78
N SER A 58 6.05 14.55 1.87
CA SER A 58 5.41 15.20 3.00
C SER A 58 6.37 15.86 3.98
N GLY A 59 7.66 15.82 3.67
CA GLY A 59 8.67 16.37 4.55
C GLY A 59 9.51 15.24 5.13
N LEU A 60 8.94 14.03 5.09
CA LEU A 60 9.72 12.82 5.35
C LEU A 60 11.17 12.66 4.85
N ASP A 61 12.15 12.66 5.75
CA ASP A 61 13.52 12.38 5.34
C ASP A 61 14.24 11.63 6.46
N VAL A 62 14.04 10.32 6.46
CA VAL A 62 14.48 9.45 7.55
C VAL A 62 15.39 8.39 6.99
N GLU A 63 16.61 8.30 7.53
CA GLU A 63 17.45 7.16 7.22
C GLU A 63 17.38 6.22 8.41
N ARG A 64 16.87 5.03 8.15
CA ARG A 64 16.99 4.00 9.15
C ARG A 64 17.10 2.66 8.46
N ASP A 65 17.78 1.73 9.14
CA ASP A 65 18.02 0.43 8.57
C ASP A 65 16.71 -0.29 8.23
N PRO A 66 16.54 -0.67 6.96
CA PRO A 66 15.27 -1.29 6.58
C PRO A 66 15.06 -2.69 7.19
N ILE A 67 16.13 -3.44 7.37
CA ILE A 67 16.00 -4.79 7.93
C ILE A 67 15.65 -4.72 9.42
N GLU A 68 16.32 -3.85 10.18
CA GLU A 68 15.98 -3.65 11.57
C GLU A 68 14.51 -3.21 11.71
N TYR A 69 14.06 -2.31 10.85
CA TYR A 69 12.68 -1.85 10.92
C TYR A 69 11.71 -2.98 10.62
N ALA A 70 11.98 -3.73 9.56
CA ALA A 70 11.12 -4.82 9.15
C ALA A 70 11.05 -5.90 10.23
N LYS A 71 12.19 -6.24 10.84
CA LYS A 71 12.21 -7.30 11.85
C LYS A 71 11.46 -6.88 13.11
N PHE A 72 11.53 -5.58 13.44
CA PHE A 72 10.74 -5.04 14.55
C PHE A 72 9.25 -5.15 14.21
N MET A 73 8.86 -4.66 13.04
CA MET A 73 7.45 -4.68 12.65
C MET A 73 6.87 -6.08 12.46
N GLU A 74 7.73 -7.04 12.15
CA GLU A 74 7.30 -8.42 11.98
C GLU A 74 6.54 -8.89 13.24
N ARG A 75 6.94 -8.35 14.38
CA ARG A 75 6.35 -8.74 15.66
C ARG A 75 4.96 -8.16 15.93
N TYR A 76 4.60 -7.07 15.24
CA TYR A 76 3.41 -6.30 15.60
C TYR A 76 2.48 -5.99 14.42
N ALA A 77 3.05 -5.66 13.27
CA ALA A 77 2.29 -5.18 12.12
C ALA A 77 1.55 -6.31 11.39
N VAL A 78 0.42 -6.03 10.77
CA VAL A 78 -0.24 -7.06 9.95
C VAL A 78 0.52 -7.26 8.64
N GLY A 79 1.24 -6.22 8.21
CA GLY A 79 2.00 -6.28 6.98
C GLY A 79 2.86 -5.05 6.87
N LEU A 80 3.73 -5.03 5.87
CA LEU A 80 4.60 -3.87 5.60
C LEU A 80 4.22 -3.34 4.22
N SER A 81 4.31 -2.04 4.04
CA SER A 81 4.18 -1.39 2.74
C SER A 81 5.55 -0.74 2.43
N ILE A 82 6.20 -1.19 1.36
CA ILE A 82 7.55 -0.76 1.03
C ILE A 82 7.47 0.13 -0.20
N LYS A 83 7.87 1.39 -0.03
N LYS A 83 7.89 1.39 -0.06
CA LYS A 83 7.99 2.34 -1.13
CA LYS A 83 7.84 2.35 -1.16
C LYS A 83 9.13 1.90 -2.02
C LYS A 83 9.07 2.20 -2.07
N THR A 84 8.85 1.73 -3.30
CA THR A 84 9.91 1.38 -4.24
C THR A 84 10.13 2.45 -5.32
N GLU A 85 9.32 3.51 -5.31
CA GLU A 85 9.53 4.64 -6.23
C GLU A 85 10.83 5.36 -5.86
N GLU A 86 11.64 5.68 -6.86
CA GLU A 86 13.00 6.17 -6.60
C GLU A 86 13.17 7.66 -6.38
N LYS A 87 12.50 8.48 -7.19
CA LYS A 87 12.83 9.89 -7.24
C LYS A 87 12.27 10.68 -6.07
N TYR A 88 11.00 10.47 -5.77
CA TYR A 88 10.33 11.17 -4.69
C TYR A 88 10.36 10.44 -3.33
N PHE A 89 10.54 9.13 -3.35
CA PHE A 89 10.54 8.37 -2.11
C PHE A 89 11.86 7.66 -1.80
N ASN A 90 12.83 7.78 -2.69
N ASN A 90 12.84 7.82 -2.67
CA ASN A 90 14.16 7.16 -2.50
CA ASN A 90 14.14 7.17 -2.52
C ASN A 90 14.08 5.66 -2.24
C ASN A 90 14.01 5.68 -2.17
N GLY A 91 13.10 5.02 -2.86
CA GLY A 91 12.94 3.57 -2.72
C GLY A 91 13.82 2.82 -3.68
N SER A 92 13.84 1.50 -3.51
CA SER A 92 14.61 0.68 -4.41
C SER A 92 14.10 -0.76 -4.40
N TYR A 93 14.29 -1.44 -5.52
CA TYR A 93 13.91 -2.82 -5.62
C TYR A 93 14.80 -3.65 -4.70
N GLU A 94 16.09 -3.29 -4.57
CA GLU A 94 17.00 -4.08 -3.75
C GLU A 94 16.54 -4.07 -2.28
N THR A 95 16.04 -2.93 -1.83
CA THR A 95 15.55 -2.82 -0.47
C THR A 95 14.32 -3.69 -0.28
N LEU A 96 13.42 -3.70 -1.25
CA LEU A 96 12.27 -4.60 -1.15
C LEU A 96 12.73 -6.06 -1.05
N ARG A 97 13.66 -6.45 -1.92
CA ARG A 97 14.14 -7.83 -1.95
C ARG A 97 14.72 -8.22 -0.59
N LYS A 98 15.55 -7.34 -0.05
CA LYS A 98 16.24 -7.65 1.21
C LYS A 98 15.23 -7.75 2.35
N ILE A 99 14.25 -6.87 2.37
CA ILE A 99 13.19 -6.93 3.37
C ILE A 99 12.39 -8.21 3.22
N ALA A 100 11.97 -8.55 2.01
CA ALA A 100 11.18 -9.75 1.80
C ALA A 100 11.94 -11.02 2.22
N SER A 101 13.26 -10.99 2.06
N SER A 101 13.25 -11.03 2.04
CA SER A 101 14.10 -12.14 2.40
CA SER A 101 13.99 -12.24 2.39
C SER A 101 14.38 -12.24 3.89
C SER A 101 14.11 -12.36 3.91
N SER A 102 13.89 -11.25 4.64
N SER A 102 13.92 -11.24 4.61
CA SER A 102 14.22 -11.14 6.06
CA SER A 102 14.20 -11.19 6.05
C SER A 102 13.02 -11.37 6.99
C SER A 102 13.01 -11.46 6.98
N VAL A 103 11.79 -11.28 6.48
CA VAL A 103 10.62 -11.42 7.33
C VAL A 103 9.57 -12.30 6.67
N SER A 104 8.62 -12.79 7.47
N SER A 104 8.64 -12.82 7.46
CA SER A 104 7.61 -13.70 6.98
CA SER A 104 7.62 -13.68 6.93
C SER A 104 6.21 -13.14 7.04
C SER A 104 6.23 -13.15 7.24
N ILE A 105 6.09 -11.82 7.20
CA ILE A 105 4.76 -11.19 7.17
C ILE A 105 4.53 -10.62 5.76
N PRO A 106 3.25 -10.39 5.44
CA PRO A 106 2.94 -9.88 4.09
C PRO A 106 3.55 -8.52 3.77
N ILE A 107 3.97 -8.41 2.53
N ILE A 107 3.97 -8.40 2.53
CA ILE A 107 4.61 -7.20 2.03
CA ILE A 107 4.62 -7.20 2.02
C ILE A 107 3.86 -6.65 0.80
C ILE A 107 3.83 -6.66 0.83
N LEU A 108 3.46 -5.38 0.90
CA LEU A 108 2.83 -4.66 -0.20
C LEU A 108 3.90 -3.79 -0.86
N MET A 109 4.11 -3.97 -2.17
N MET A 109 4.03 -3.96 -2.18
CA MET A 109 5.00 -3.08 -2.92
CA MET A 109 4.88 -3.10 -3.00
C MET A 109 4.19 -1.85 -3.33
C MET A 109 4.09 -1.84 -3.29
N SER A 110 4.60 -0.70 -2.79
N SER A 110 4.61 -0.71 -2.83
CA SER A 110 3.94 0.58 -3.04
CA SER A 110 3.96 0.57 -3.04
C SER A 110 4.77 1.40 -4.01
C SER A 110 4.78 1.42 -4.01
N ASP A 111 4.22 1.60 -5.19
CA ASP A 111 4.89 2.29 -6.29
C ASP A 111 3.78 2.82 -7.20
N PHE A 112 4.17 3.28 -8.39
CA PHE A 112 3.23 3.80 -9.38
C PHE A 112 3.23 2.83 -10.54
N ILE A 113 2.35 1.85 -10.43
N ILE A 113 2.39 1.82 -10.42
CA ILE A 113 2.32 0.71 -11.34
CA ILE A 113 2.38 0.73 -11.37
C ILE A 113 1.54 1.04 -12.59
C ILE A 113 1.56 1.08 -12.59
N VAL A 114 2.24 1.10 -13.73
CA VAL A 114 1.62 1.47 -14.99
C VAL A 114 1.92 0.48 -16.10
N LYS A 115 2.64 -0.60 -15.79
CA LYS A 115 2.92 -1.64 -16.79
C LYS A 115 3.04 -2.99 -16.07
N GLU A 116 2.74 -4.04 -16.80
CA GLU A 116 2.73 -5.40 -16.26
C GLU A 116 4.06 -5.79 -15.64
N SER A 117 5.17 -5.37 -16.26
CA SER A 117 6.47 -5.83 -15.75
C SER A 117 6.73 -5.34 -14.32
N GLN A 118 6.09 -4.26 -13.89
CA GLN A 118 6.24 -3.85 -12.48
C GLN A 118 5.57 -4.84 -11.51
N ILE A 119 4.49 -5.47 -11.95
CA ILE A 119 3.87 -6.53 -11.14
C ILE A 119 4.76 -7.77 -11.14
N ASP A 120 5.34 -8.09 -12.31
CA ASP A 120 6.36 -9.16 -12.37
C ASP A 120 7.49 -8.84 -11.38
N ASP A 121 7.91 -7.58 -11.35
CA ASP A 121 9.00 -7.19 -10.46
C ASP A 121 8.64 -7.46 -8.99
N ALA A 122 7.44 -7.03 -8.58
CA ALA A 122 6.97 -7.27 -7.24
C ALA A 122 7.01 -8.75 -6.92
N TYR A 123 6.45 -9.55 -7.83
CA TYR A 123 6.42 -11.00 -7.58
C TYR A 123 7.82 -11.57 -7.48
N ASN A 124 8.70 -11.18 -8.40
CA ASN A 124 10.03 -11.76 -8.48
C ASN A 124 10.91 -11.33 -7.31
N LEU A 125 10.64 -10.16 -6.73
CA LEU A 125 11.41 -9.62 -5.62
C LEU A 125 10.93 -10.09 -4.25
N GLY A 126 9.74 -10.68 -4.19
CA GLY A 126 9.24 -11.24 -2.97
C GLY A 126 8.03 -10.56 -2.37
N ALA A 127 7.53 -9.50 -3.00
CA ALA A 127 6.36 -8.86 -2.45
C ALA A 127 5.15 -9.77 -2.59
N ASP A 128 4.19 -9.61 -1.68
CA ASP A 128 2.98 -10.43 -1.69
C ASP A 128 1.82 -9.82 -2.41
N THR A 129 1.85 -8.51 -2.60
CA THR A 129 0.87 -7.82 -3.41
C THR A 129 1.37 -6.46 -3.79
N VAL A 130 0.56 -5.73 -4.56
CA VAL A 130 0.92 -4.45 -5.12
C VAL A 130 -0.19 -3.44 -4.92
N LEU A 131 0.20 -2.17 -4.87
CA LEU A 131 -0.73 -1.06 -4.92
C LEU A 131 -1.05 -0.72 -6.38
N LEU A 132 -2.33 -0.50 -6.68
CA LEU A 132 -2.75 0.07 -7.97
C LEU A 132 -3.52 1.36 -7.66
N ILE A 133 -3.32 2.39 -8.49
CA ILE A 133 -3.82 3.75 -8.18
C ILE A 133 -4.82 4.15 -9.27
N VAL A 134 -6.09 4.27 -8.91
CA VAL A 134 -7.12 4.55 -9.91
C VAL A 134 -6.76 5.81 -10.70
N LYS A 135 -6.27 6.83 -10.01
CA LYS A 135 -6.09 8.12 -10.61
C LYS A 135 -5.00 8.20 -11.67
N ILE A 136 -4.13 7.20 -11.79
CA ILE A 136 -3.14 7.23 -12.85
C ILE A 136 -3.40 6.28 -14.02
N LEU A 137 -4.47 5.47 -13.94
CA LEU A 137 -4.73 4.40 -14.91
C LEU A 137 -6.04 4.64 -15.64
N THR A 138 -6.08 4.30 -16.92
CA THR A 138 -7.38 4.25 -17.57
C THR A 138 -8.14 3.08 -16.95
N GLU A 139 -9.45 3.10 -17.08
CA GLU A 139 -10.26 2.04 -16.53
C GLU A 139 -9.87 0.68 -17.10
N ARG A 140 -9.60 0.62 -18.40
CA ARG A 140 -9.19 -0.63 -19.04
C ARG A 140 -7.85 -1.12 -18.44
N GLU A 141 -6.91 -0.19 -18.24
CA GLU A 141 -5.65 -0.57 -17.64
C GLU A 141 -5.81 -1.09 -16.23
N LEU A 142 -6.64 -0.40 -15.46
CA LEU A 142 -6.85 -0.79 -14.06
C LEU A 142 -7.43 -2.23 -14.00
N GLU A 143 -8.44 -2.49 -14.82
CA GLU A 143 -9.03 -3.82 -14.88
C GLU A 143 -7.99 -4.86 -15.30
N SER A 144 -7.19 -4.54 -16.32
N SER A 144 -7.18 -4.54 -16.31
CA SER A 144 -6.20 -5.49 -16.81
CA SER A 144 -6.23 -5.52 -16.82
C SER A 144 -5.13 -5.78 -15.80
C SER A 144 -5.06 -5.77 -15.86
N LEU A 145 -4.63 -4.74 -15.13
CA LEU A 145 -3.59 -4.91 -14.12
C LEU A 145 -4.12 -5.63 -12.88
N LEU A 146 -5.38 -5.41 -12.54
N LEU A 146 -5.36 -5.38 -12.51
CA LEU A 146 -5.97 -6.16 -11.44
CA LEU A 146 -5.99 -6.18 -11.45
C LEU A 146 -6.04 -7.65 -11.79
C LEU A 146 -5.95 -7.64 -11.83
N GLU A 147 -6.41 -7.95 -13.03
CA GLU A 147 -6.41 -9.36 -13.48
C GLU A 147 -5.02 -9.93 -13.52
N TYR A 148 -4.04 -9.16 -13.95
CA TYR A 148 -2.67 -9.62 -14.07
C TYR A 148 -2.10 -9.94 -12.69
N ALA A 149 -2.33 -9.08 -11.71
CA ALA A 149 -1.94 -9.37 -10.34
C ALA A 149 -2.65 -10.64 -9.82
N ARG A 150 -3.94 -10.75 -10.09
CA ARG A 150 -4.70 -11.92 -9.65
C ARG A 150 -4.16 -13.19 -10.27
N SER A 151 -3.66 -13.13 -11.48
N SER A 151 -3.55 -13.10 -11.48
CA SER A 151 -3.15 -14.35 -12.07
CA SER A 151 -2.90 -14.25 -12.23
C SER A 151 -2.03 -14.93 -11.20
C SER A 151 -1.67 -14.83 -11.52
N TYR A 152 -1.20 -14.09 -10.53
CA TYR A 152 -0.13 -14.52 -9.67
C TYR A 152 -0.63 -14.97 -8.30
N GLY A 153 -1.94 -14.87 -8.06
CA GLY A 153 -2.48 -15.12 -6.74
C GLY A 153 -2.40 -13.97 -5.77
N MET A 154 -2.22 -12.77 -6.30
N MET A 154 -2.19 -12.79 -6.30
CA MET A 154 -2.10 -11.55 -5.47
CA MET A 154 -2.21 -11.59 -5.50
C MET A 154 -3.31 -10.63 -5.61
C MET A 154 -3.62 -11.03 -5.51
N GLU A 155 -3.95 -10.28 -4.50
CA GLU A 155 -5.10 -9.34 -4.55
C GLU A 155 -4.52 -7.97 -4.34
N PRO A 156 -4.55 -7.14 -5.39
N PRO A 156 -4.50 -7.15 -5.39
CA PRO A 156 -3.94 -5.81 -5.25
CA PRO A 156 -3.96 -5.79 -5.25
C PRO A 156 -4.77 -4.90 -4.36
C PRO A 156 -4.77 -4.90 -4.33
N LEU A 157 -4.09 -3.95 -3.71
CA LEU A 157 -4.76 -2.92 -2.94
C LEU A 157 -5.00 -1.74 -3.90
N ILE A 158 -6.27 -1.42 -4.11
N ILE A 158 -6.25 -1.40 -4.12
CA ILE A 158 -6.68 -0.36 -5.03
CA ILE A 158 -6.57 -0.36 -5.10
C ILE A 158 -6.84 0.95 -4.27
C ILE A 158 -6.88 0.94 -4.37
N LEU A 159 -6.05 1.95 -4.66
CA LEU A 159 -6.09 3.23 -3.95
C LEU A 159 -7.15 4.17 -4.54
N ILE A 160 -8.07 4.63 -3.71
CA ILE A 160 -9.08 5.62 -4.12
C ILE A 160 -8.90 6.88 -3.30
N ASN A 161 -9.17 8.03 -3.97
CA ASN A 161 -9.00 9.31 -3.31
C ASN A 161 -10.30 10.12 -3.25
N ASP A 162 -11.34 9.65 -3.94
CA ASP A 162 -12.59 10.38 -4.08
C ASP A 162 -13.67 9.46 -4.60
N GLU A 163 -14.88 9.98 -4.73
CA GLU A 163 -16.03 9.15 -5.11
C GLU A 163 -15.90 8.65 -6.55
N ASN A 164 -15.32 9.47 -7.45
CA ASN A 164 -15.13 9.02 -8.84
C ASN A 164 -14.22 7.78 -8.87
N ASP A 165 -13.14 7.81 -8.10
CA ASP A 165 -12.22 6.68 -8.06
C ASP A 165 -12.95 5.44 -7.53
N LEU A 166 -13.80 5.63 -6.52
CA LEU A 166 -14.53 4.49 -5.98
C LEU A 166 -15.48 3.89 -6.99
N ASP A 167 -16.18 4.72 -7.76
CA ASP A 167 -17.10 4.19 -8.74
C ASP A 167 -16.36 3.26 -9.73
N ILE A 168 -15.21 3.72 -10.18
CA ILE A 168 -14.40 2.93 -11.10
C ILE A 168 -13.89 1.67 -10.45
N ALA A 169 -13.34 1.80 -9.24
CA ALA A 169 -12.77 0.64 -8.56
C ALA A 169 -13.83 -0.44 -8.40
N LEU A 170 -15.06 -0.06 -8.04
CA LEU A 170 -16.08 -1.08 -7.84
C LEU A 170 -16.48 -1.72 -9.16
N ARG A 171 -16.56 -0.91 -10.21
CA ARG A 171 -16.97 -1.45 -11.50
C ARG A 171 -15.97 -2.49 -12.02
N ILE A 172 -14.68 -2.26 -11.79
CA ILE A 172 -13.67 -3.19 -12.31
C ILE A 172 -13.47 -4.40 -11.40
N GLY A 173 -14.17 -4.43 -10.26
CA GLY A 173 -14.21 -5.60 -9.39
C GLY A 173 -13.29 -5.58 -8.20
N ALA A 174 -12.85 -4.40 -7.77
CA ALA A 174 -11.93 -4.31 -6.61
C ALA A 174 -12.56 -4.99 -5.40
N ARG A 175 -11.74 -5.73 -4.64
CA ARG A 175 -12.17 -6.33 -3.38
C ARG A 175 -11.27 -5.95 -2.21
N PHE A 176 -10.26 -5.12 -2.48
CA PHE A 176 -9.30 -4.71 -1.45
C PHE A 176 -8.97 -3.27 -1.80
N ILE A 177 -9.49 -2.35 -1.01
CA ILE A 177 -9.46 -0.91 -1.33
C ILE A 177 -8.77 -0.12 -0.22
N GLY A 178 -7.87 0.78 -0.63
CA GLY A 178 -7.16 1.69 0.28
C GLY A 178 -7.83 3.07 0.12
N ILE A 179 -8.42 3.57 1.20
CA ILE A 179 -9.11 4.84 1.17
C ILE A 179 -8.19 5.93 1.71
N PHE A 180 -7.81 6.83 0.83
CA PHE A 180 -6.97 7.95 1.22
C PHE A 180 -7.85 9.18 1.48
N SER A 181 -8.17 9.91 0.42
N SER A 181 -8.14 9.95 0.44
CA SER A 181 -8.83 11.22 0.48
CA SER A 181 -8.83 11.22 0.57
C SER A 181 -7.86 12.25 1.04
C SER A 181 -7.86 12.28 1.05
N MET A 182 -6.70 12.37 0.39
CA MET A 182 -5.53 13.23 0.59
C MET A 182 -5.65 14.48 -0.24
N ASN A 183 -5.35 15.61 0.40
CA ASN A 183 -5.23 16.90 -0.27
C ASN A 183 -3.76 17.17 -0.47
N PHE A 184 -3.35 17.44 -1.72
CA PHE A 184 -1.93 17.54 -2.00
C PHE A 184 -1.30 18.90 -1.69
N GLU A 185 -2.12 19.93 -1.52
CA GLU A 185 -1.60 21.24 -1.11
C GLU A 185 -1.25 21.21 0.37
N THR A 186 -2.20 20.76 1.19
CA THR A 186 -2.00 20.73 2.65
C THR A 186 -1.31 19.44 3.09
N GLY A 187 -1.49 18.38 2.31
CA GLY A 187 -0.93 17.08 2.65
C GLY A 187 -1.72 16.38 3.75
N GLU A 188 -2.95 16.83 3.98
CA GLU A 188 -3.75 16.29 5.06
C GLU A 188 -4.88 15.42 4.54
N ILE A 189 -5.22 14.41 5.32
N ILE A 189 -5.20 14.38 5.30
CA ILE A 189 -6.36 13.57 4.99
CA ILE A 189 -6.34 13.55 5.00
C ILE A 189 -7.65 14.27 5.39
C ILE A 189 -7.61 14.34 5.36
N ASN A 190 -8.60 14.32 4.46
CA ASN A 190 -9.92 14.90 4.74
C ASN A 190 -10.73 13.84 5.44
N LYS A 191 -10.85 13.94 6.77
CA LYS A 191 -11.45 12.86 7.55
C LYS A 191 -12.92 12.68 7.23
N GLU A 192 -13.63 13.79 7.07
CA GLU A 192 -15.04 13.75 6.71
C GLU A 192 -15.23 12.95 5.40
N ASN A 193 -14.46 13.29 4.38
CA ASN A 193 -14.63 12.63 3.10
C ASN A 193 -14.15 11.19 3.15
N GLN A 194 -13.07 10.94 3.89
CA GLN A 194 -12.59 9.58 4.01
C GLN A 194 -13.69 8.73 4.58
N ARG A 195 -14.38 9.27 5.60
CA ARG A 195 -15.48 8.53 6.22
C ARG A 195 -16.66 8.32 5.26
N LYS A 196 -16.99 9.33 4.47
CA LYS A 196 -18.07 9.18 3.50
C LYS A 196 -17.72 8.07 2.50
N LEU A 197 -16.50 8.06 2.01
CA LEU A 197 -16.11 7.03 1.06
C LEU A 197 -16.21 5.63 1.70
N ILE A 198 -15.70 5.51 2.92
CA ILE A 198 -15.78 4.21 3.60
C ILE A 198 -17.22 3.75 3.69
N SER A 199 -18.13 4.67 3.96
CA SER A 199 -19.55 4.30 4.09
C SER A 199 -20.20 3.85 2.78
N MET A 200 -19.55 4.14 1.66
N MET A 200 -19.56 4.13 1.65
CA MET A 200 -20.07 3.83 0.33
CA MET A 200 -20.13 3.77 0.35
C MET A 200 -19.54 2.50 -0.20
C MET A 200 -19.51 2.51 -0.23
N ILE A 201 -18.63 1.87 0.53
CA ILE A 201 -18.01 0.63 0.06
C ILE A 201 -18.81 -0.58 0.53
N PRO A 202 -19.06 -1.53 -0.38
CA PRO A 202 -19.79 -2.75 -0.01
C PRO A 202 -19.10 -3.55 1.10
N SER A 203 -19.90 -4.33 1.84
CA SER A 203 -19.39 -5.04 2.99
C SER A 203 -18.40 -6.17 2.59
N ASN A 204 -18.41 -6.61 1.33
CA ASN A 204 -17.54 -7.72 0.95
C ASN A 204 -16.21 -7.23 0.38
N VAL A 205 -15.92 -5.94 0.53
CA VAL A 205 -14.61 -5.39 0.20
C VAL A 205 -13.78 -5.20 1.48
N VAL A 206 -12.53 -5.66 1.46
CA VAL A 206 -11.62 -5.42 2.57
C VAL A 206 -11.10 -3.98 2.47
N LYS A 207 -11.24 -3.22 3.56
CA LYS A 207 -11.07 -1.78 3.54
C LYS A 207 -9.89 -1.38 4.41
N VAL A 208 -8.96 -0.61 3.83
CA VAL A 208 -7.78 -0.13 4.51
C VAL A 208 -7.82 1.41 4.49
N ALA A 209 -7.74 2.04 5.65
CA ALA A 209 -7.71 3.50 5.70
C ALA A 209 -6.31 4.02 5.92
N LYS A 210 -5.93 5.04 5.16
CA LYS A 210 -4.68 5.79 5.44
C LYS A 210 -4.93 6.66 6.65
N LEU A 211 -4.10 6.53 7.67
CA LEU A 211 -4.25 7.34 8.85
CA LEU A 211 -4.24 7.33 8.86
C LEU A 211 -3.36 8.56 8.78
N GLY A 212 -3.96 9.70 9.08
CA GLY A 212 -3.22 10.94 9.20
C GLY A 212 -2.90 11.11 10.68
N ILE A 213 -3.97 11.06 11.51
CA ILE A 213 -3.79 11.13 12.96
C ILE A 213 -3.47 9.75 13.55
N SER A 214 -2.23 9.58 13.98
CA SER A 214 -1.77 8.29 14.46
C SER A 214 -2.09 8.11 15.95
N GLU A 215 -3.37 7.90 16.25
CA GLU A 215 -3.83 7.73 17.64
C GLU A 215 -4.89 6.63 17.77
N ARG A 216 -4.93 5.99 18.94
CA ARG A 216 -5.77 4.82 19.16
C ARG A 216 -7.28 5.12 18.99
N ASN A 217 -7.72 6.26 19.47
CA ASN A 217 -9.14 6.60 19.37
C ASN A 217 -9.64 6.66 17.91
N GLU A 218 -8.79 7.18 17.02
CA GLU A 218 -9.13 7.31 15.60
C GLU A 218 -9.29 5.91 15.00
N ILE A 219 -8.34 5.04 15.33
CA ILE A 219 -8.44 3.64 14.93
C ILE A 219 -9.77 3.03 15.41
N GLU A 220 -10.16 3.30 16.66
CA GLU A 220 -11.37 2.71 17.21
C GLU A 220 -12.63 3.19 16.48
N GLU A 221 -12.67 4.48 16.15
CA GLU A 221 -13.83 5.03 15.45
C GLU A 221 -13.94 4.41 14.07
N LEU A 222 -12.82 4.34 13.38
CA LEU A 222 -12.82 3.81 12.03
C LEU A 222 -13.18 2.33 12.00
N ARG A 223 -12.66 1.57 12.95
CA ARG A 223 -12.94 0.14 13.02
C ARG A 223 -14.46 -0.05 13.20
N LYS A 224 -15.07 0.80 14.01
CA LYS A 224 -16.51 0.75 14.20
C LYS A 224 -17.28 0.94 12.89
N LEU A 225 -16.71 1.77 12.01
CA LEU A 225 -17.32 2.13 10.73
C LEU A 225 -17.05 1.08 9.64
N GLY A 226 -16.34 0.03 10.00
CA GLY A 226 -16.11 -1.05 9.05
C GLY A 226 -14.69 -1.17 8.49
N VAL A 227 -13.80 -0.27 8.87
CA VAL A 227 -12.43 -0.35 8.37
C VAL A 227 -11.74 -1.60 8.93
N ASN A 228 -11.04 -2.30 8.06
CA ASN A 228 -10.40 -3.57 8.44
C ASN A 228 -8.95 -3.42 8.86
N ALA A 229 -8.23 -2.48 8.24
CA ALA A 229 -6.82 -2.28 8.53
C ALA A 229 -6.44 -0.81 8.28
N PHE A 230 -5.25 -0.44 8.75
CA PHE A 230 -4.79 0.94 8.73
C PHE A 230 -3.39 1.05 8.21
N LEU A 231 -3.19 1.93 7.23
N LEU A 231 -3.17 2.04 7.36
CA LEU A 231 -1.87 2.28 6.72
CA LEU A 231 -1.90 2.25 6.74
C LEU A 231 -1.33 3.43 7.53
C LEU A 231 -1.27 3.48 7.38
N ILE A 232 -0.11 3.28 8.04
CA ILE A 232 0.55 4.33 8.84
C ILE A 232 2.04 4.47 8.43
N SER A 233 2.47 5.70 8.18
N SER A 233 2.50 5.68 8.13
CA SER A 233 3.78 5.97 7.63
CA SER A 233 3.89 5.85 7.67
C SER A 233 4.72 6.77 8.56
C SER A 233 4.77 6.64 8.64
N SER A 234 4.68 8.10 8.47
N SER A 234 4.73 7.96 8.56
CA SER A 234 5.67 8.93 9.16
CA SER A 234 5.76 8.80 9.16
C SER A 234 5.88 8.60 10.64
C SER A 234 5.88 8.64 10.67
N SER A 235 4.79 8.45 11.40
CA SER A 235 4.90 8.30 12.86
C SER A 235 5.63 7.02 13.26
N LEU A 236 5.48 5.98 12.43
CA LEU A 236 6.17 4.73 12.70
C LEU A 236 7.62 4.77 12.21
N MET A 237 7.90 5.47 11.10
CA MET A 237 9.28 5.63 10.66
C MET A 237 10.06 6.42 11.70
N ARG A 238 9.46 7.41 12.35
CA ARG A 238 9.99 8.31 13.39
C ARG A 238 10.15 7.54 14.69
N ASN A 239 9.16 6.75 15.08
CA ASN A 239 9.22 6.02 16.36
C ASN A 239 8.51 4.67 16.21
N PRO A 240 9.26 3.66 15.76
CA PRO A 240 8.63 2.38 15.47
C PRO A 240 7.84 1.83 16.65
N GLU A 241 8.34 2.01 17.87
CA GLU A 241 7.70 1.39 19.03
C GLU A 241 6.29 1.92 19.29
N LYS A 242 5.92 3.03 18.65
CA LYS A 242 4.56 3.56 18.77
C LYS A 242 3.50 2.53 18.31
N ILE A 243 3.88 1.64 17.41
CA ILE A 243 2.88 0.67 16.94
C ILE A 243 2.36 -0.15 18.12
N LYS A 244 3.17 -0.38 19.15
CA LYS A 244 2.74 -1.21 20.27
C LYS A 244 1.57 -0.58 20.98
N GLU A 245 1.62 0.74 21.14
CA GLU A 245 0.57 1.43 21.85
C GLU A 245 -0.67 1.53 20.98
N LEU A 246 -0.48 1.55 19.67
CA LEU A 246 -1.63 1.61 18.76
C LEU A 246 -2.42 0.31 18.74
N ILE A 247 -1.74 -0.82 18.97
N ILE A 247 -1.77 -0.82 18.99
CA ILE A 247 -2.41 -2.13 18.97
CA ILE A 247 -2.46 -2.10 18.94
C ILE A 247 -2.93 -2.52 20.33
C ILE A 247 -2.85 -2.61 20.33
N GLU A 248 -2.34 -1.96 21.38
CA GLU A 248 -2.51 -2.09 22.83
C GLU A 248 -1.70 -3.30 23.31
C14 3NK B . 3.02 7.05 1.82
C14 3NK B . 3.31 4.60 -3.91
C13 3NK B . 2.89 6.67 0.36
C13 3NK B . 3.24 6.06 -3.59
C12 3NK B . 1.71 7.22 -0.33
C12 3NK B . 1.88 6.71 -3.78
C11 3NK B . 1.66 6.90 -1.79
C11 3NK B . 1.88 8.21 -3.64
O11 3NK B . 2.47 6.19 -2.33
O11 3NK B . 2.75 8.83 -3.06
C2 3NK B . 0.53 7.50 -2.56
C2 3NK B . 0.75 8.93 -4.27
C1 3NK B . -0.43 8.26 -1.93
C1 3NK B . -0.47 8.36 -4.47
C9 3NK B . -1.48 8.84 -2.70
C9 3NK B . -1.51 9.09 -5.10
C8 3NK B . -2.51 9.60 -2.08
C8 3NK B . -2.79 8.52 -5.33
C7 3NK B . -3.52 10.13 -2.82
C7 3NK B . -3.79 9.22 -5.93
C6 3NK B . -3.57 9.92 -4.26
C6 3NK B . -3.57 10.54 -6.34
O6 3NK B . -4.61 10.46 -4.96
O6 3NK B . -4.57 11.27 -6.95
C15 3NK B . -4.89 10.02 -6.28
C15 3NK B . -4.18 12.10 -8.01
C5 3NK B . -2.59 9.18 -4.88
C5 3NK B . -2.34 11.13 -6.13
C10 3NK B . -1.54 8.62 -4.10
C10 3NK B . -1.29 10.40 -5.51
C4 3NK B . -0.52 7.85 -4.69
C4 3NK B . -0.02 10.97 -5.28
C3 3NK B . 0.49 7.30 -3.95
C3 3NK B . 0.98 10.26 -4.67
H141 3NK B . 2.07 7.01 2.35
H141 3NK B . 2.77 4.34 -4.82
H142 3NK B . 3.73 6.39 2.33
H142 3NK B . 2.90 4.00 -3.09
H143 3NK B . 3.41 8.07 1.93
H143 3NK B . 4.35 4.27 -4.04
H121 3NK B . 1.68 8.32 -0.17
H121 3NK B . 1.48 6.42 -4.77
H122 3NK B . 0.79 6.86 0.19
H122 3NK B . 1.17 6.25 -3.06
H1 3NK B . -0.38 8.41 -0.85
H1 3NK B . -0.64 7.33 -4.17
H3 3NK B . 1.28 6.71 -4.42
H3 3NK B . 1.97 10.70 -4.50
H8 3NK B . -2.47 9.76 -1.00
H8 3NK B . -2.97 7.49 -5.02
H7 3NK B . -4.30 10.73 -2.35
H7 3NK B . -4.77 8.77 -6.10
H5 3NK B . -2.62 9.00 -5.96
H5 3NK B . -2.17 12.16 -6.45
H151 3NK B . -3.91 9.92 -6.76
H151 3NK B . -5.03 12.80 -8.13
H152 3NK B . -5.49 10.71 -6.88
H152 3NK B . -3.28 12.70 -7.83
H4 3NK B . -0.54 7.67 -5.77
H4 3NK B . 0.16 12.00 -5.59
H153 3NK B . -5.37 9.02 -6.31
H153 3NK B . -4.05 11.57 -8.96
C14 3NK C . -0.79 10.46 5.49
C13 3NK C . -0.13 9.91 4.24
C12 3NK C . 0.36 10.94 3.27
C11 3NK C . 0.64 10.42 1.91
O11 3NK C . 0.48 9.26 1.61
C2 3NK C . 1.07 11.39 0.88
C1 3NK C . 1.13 12.73 1.13
C9 3NK C . 1.54 13.62 0.08
C8 3NK C . 1.62 15.01 0.32
C7 3NK C . 2.00 15.87 -0.67
C6 3NK C . 2.34 15.34 -1.94
O6 3NK C . 2.74 16.22 -2.93
C15 3NK C . 1.99 16.27 -4.08
C5 3NK C . 2.28 13.98 -2.21
C10 3NK C . 1.87 13.11 -1.18
C4 3NK C . 1.81 11.71 -1.40
C3 3NK C . 1.41 10.87 -0.40
H141 3NK C . -1.39 9.72 6.01
H142 3NK C . -1.44 11.30 5.25
H143 3NK C . -0.03 10.83 6.20
H121 3NK C . 1.26 11.43 3.68
H122 3NK C . -0.37 11.77 3.22
H1 3NK C . 0.87 13.12 2.11
H3 3NK C . 1.34 9.79 -0.56
H8 3NK C . 1.36 15.39 1.31
H7 3NK C . 2.06 16.94 -0.49
H5 3NK C . 2.55 13.59 -3.19
H151 3NK C . 1.12 16.88 -3.80
H152 3NK C . 1.63 15.31 -4.46
H4 3NK C . 2.06 11.31 -2.37
H153 3NK C . 2.50 16.80 -4.91
#